data_2IGF
#
_entry.id   2IGF
#
_cell.length_a   142.500
_cell.length_b   142.500
_cell.length_c   101.500
_cell.angle_alpha   90.00
_cell.angle_beta   90.00
_cell.angle_gamma   120.00
#
_symmetry.space_group_name_H-M   'P 63 2 2'
#
loop_
_entity.id
_entity.type
_entity.pdbx_description
1 polymer 'IGG1-KAPPA B13I2 FAB (LIGHT CHAIN)'
2 polymer 'IGG1-KAPPA B13I2 FAB (HEAVY CHAIN)'
3 polymer 'PEPTIDE (RESIDUES 69-87 OF MYOHEMERYTHRIN)'
4 non-polymer 2-acetamido-2-deoxy-beta-D-glucopyranose
#
loop_
_entity_poly.entity_id
_entity_poly.type
_entity_poly.pdbx_seq_one_letter_code
_entity_poly.pdbx_strand_id
1 'polypeptide(L)'
;DVLMTQTPLSLPVSLGDQASISCRSNQTILLSDGDTYLEWYLQKPGQSPKLLIYKVSNRFSGVPDRFSGSGSGTDFTLKI
SRVEAEDLGVYYCFQGSHVPPTFGGGTKLEIKRADAAPTVSIFPPSSEQLTSGGASVVCFLNNFYPKDINVKWKIDGSER
QNGVLNSWTDQDSKDSTYSMSSTLTLTKDEYERHNSYTCEATHKTSTSPIVKSFNRNEC
;
L
2 'polypeptide(L)'
;EVQLVESGGDLVKPGGSLKLSCAASGFTFSRCAMSWVRQTPEKRLEWVAGISSGGSYTFYPDTVKGRFIISRNNARNTLS
LQMSSLRSEDTAIYYCTRYSSDPFYFDYWGQGTTLTVSSAKTTPPSVYPLAPGSAAQTNSMVTLGCLVKGYFPEPVTVTW
NSGSLSSGVHTFPAVLQSDLYTLSSSVTVPSSPRPSETVTCNVAHPASSTKVDKKIVPRDC
;
H
3 'polypeptide(L)' EVVPHKKMHKDFLEKIGGL P
#
# COMPACT_ATOMS: atom_id res chain seq x y z
N ASP A 1 -14.97 18.21 -15.87
CA ASP A 1 -14.08 17.14 -15.51
C ASP A 1 -14.14 16.26 -16.72
N VAL A 2 -13.38 15.18 -16.80
CA VAL A 2 -13.25 14.41 -18.01
C VAL A 2 -12.72 13.09 -17.45
N LEU A 3 -13.56 12.07 -17.63
CA LEU A 3 -13.38 10.78 -16.98
C LEU A 3 -12.44 10.09 -17.91
N MET A 4 -11.48 9.46 -17.28
CA MET A 4 -10.45 8.79 -17.99
C MET A 4 -10.68 7.35 -17.60
N THR A 5 -11.29 6.48 -18.37
CA THR A 5 -11.48 5.07 -18.01
C THR A 5 -10.20 4.41 -18.45
N GLN A 6 -9.81 3.30 -17.84
CA GLN A 6 -8.52 2.66 -18.08
C GLN A 6 -8.79 1.18 -18.00
N THR A 7 -8.30 0.36 -18.93
CA THR A 7 -8.60 -1.05 -18.95
C THR A 7 -7.40 -1.88 -19.37
N PRO A 8 -7.20 -3.09 -18.80
CA PRO A 8 -8.07 -3.68 -17.78
C PRO A 8 -7.65 -3.29 -16.37
N LEU A 9 -8.36 -3.66 -15.30
CA LEU A 9 -7.85 -3.30 -13.99
C LEU A 9 -6.64 -4.04 -13.50
N SER A 10 -6.27 -5.24 -13.94
CA SER A 10 -5.17 -6.06 -13.44
C SER A 10 -4.78 -6.87 -14.69
N LEU A 11 -3.51 -7.11 -14.91
CA LEU A 11 -3.07 -7.65 -16.17
C LEU A 11 -1.96 -8.66 -15.90
N PRO A 12 -2.22 -9.93 -15.93
CA PRO A 12 -1.21 -10.93 -15.80
C PRO A 12 -0.49 -11.11 -17.13
N VAL A 13 0.84 -11.15 -17.03
CA VAL A 13 1.67 -11.27 -18.22
C VAL A 13 2.97 -12.02 -17.85
N SER A 14 3.73 -12.72 -18.66
CA SER A 14 4.84 -13.52 -18.18
C SER A 14 6.11 -12.90 -18.70
N LEU A 15 7.23 -12.95 -18.00
CA LEU A 15 8.44 -12.31 -18.49
C LEU A 15 8.74 -12.66 -19.96
N GLY A 16 8.67 -11.71 -20.89
CA GLY A 16 8.98 -11.99 -22.28
C GLY A 16 7.78 -11.71 -23.15
N ASP A 17 6.66 -11.34 -22.59
CA ASP A 17 5.56 -11.10 -23.46
C ASP A 17 5.36 -9.62 -23.54
N GLN A 18 4.21 -9.23 -24.05
CA GLN A 18 3.88 -7.87 -24.34
C GLN A 18 2.73 -7.49 -23.49
N ALA A 19 2.55 -6.24 -23.02
CA ALA A 19 1.38 -5.92 -22.27
C ALA A 19 0.83 -4.67 -22.88
N SER A 20 -0.44 -4.55 -23.14
CA SER A 20 -1.01 -3.32 -23.59
C SER A 20 -1.90 -2.89 -22.45
N ILE A 21 -1.73 -1.70 -21.83
CA ILE A 21 -2.70 -1.18 -20.87
C ILE A 21 -3.38 -0.13 -21.72
N SER A 22 -4.66 0.19 -21.66
CA SER A 22 -5.11 1.28 -22.52
C SER A 22 -6.11 2.22 -21.84
N CYS A 23 -6.23 3.48 -22.25
CA CYS A 23 -6.86 4.55 -21.48
C CYS A 23 -7.64 5.36 -22.47
N ARG A 24 -8.73 5.95 -21.97
CA ARG A 24 -9.74 6.51 -22.85
C ARG A 24 -10.42 7.69 -22.19
N SER A 25 -10.71 8.77 -22.90
CA SER A 25 -11.26 9.96 -22.25
C SER A 25 -12.66 10.24 -22.71
N ASN A 26 -13.68 10.71 -21.97
CA ASN A 26 -14.95 11.02 -22.63
C ASN A 26 -14.89 12.41 -23.24
N GLN A 27 -13.75 13.02 -23.48
CA GLN A 27 -13.73 14.30 -24.15
C GLN A 27 -12.35 14.30 -24.80
N THR A 28 -12.13 15.10 -25.83
CA THR A 28 -10.86 15.08 -26.52
C THR A 28 -9.81 15.79 -25.70
N ILE A 29 -8.58 15.33 -25.90
CA ILE A 29 -7.46 15.83 -25.15
C ILE A 29 -6.62 16.72 -26.09
N LEU A 30 -7.14 17.06 -27.32
CA LEU A 30 -6.37 17.69 -28.41
C LEU A 30 -6.45 19.17 -28.26
N LEU A 31 -5.49 19.98 -27.87
CA LEU A 31 -5.80 21.39 -27.78
C LEU A 31 -5.58 21.98 -29.18
N SER A 32 -6.11 23.17 -29.53
CA SER A 32 -5.99 23.74 -30.86
C SER A 32 -4.55 23.88 -31.37
N ASP A 33 -3.54 23.89 -30.48
CA ASP A 33 -2.21 23.97 -31.03
C ASP A 33 -1.75 22.56 -31.41
N GLY A 34 -2.61 21.54 -31.57
CA GLY A 34 -2.18 20.24 -32.06
C GLY A 34 -1.47 19.38 -31.02
N ASP A 35 -1.21 19.92 -29.81
CA ASP A 35 -0.63 19.11 -28.77
C ASP A 35 -1.68 18.38 -27.96
N THR A 36 -1.51 17.03 -27.83
CA THR A 36 -2.40 16.11 -27.14
C THR A 36 -1.67 15.71 -25.87
N TYR A 37 -2.02 16.22 -24.72
CA TYR A 37 -1.25 15.94 -23.55
C TYR A 37 -1.72 14.72 -22.79
N LEU A 38 -1.49 13.50 -23.27
CA LEU A 38 -1.81 12.34 -22.44
C LEU A 38 -0.45 11.78 -22.01
N GLU A 39 -0.19 11.65 -20.68
CA GLU A 39 1.06 11.21 -20.09
C GLU A 39 0.83 9.88 -19.40
N TRP A 40 1.82 9.04 -19.12
CA TRP A 40 1.69 7.72 -18.48
C TRP A 40 2.69 7.73 -17.32
N TYR A 41 2.29 7.42 -16.07
CA TYR A 41 3.13 7.44 -14.87
C TYR A 41 3.30 6.04 -14.26
N LEU A 42 4.33 5.64 -13.52
CA LEU A 42 4.50 4.31 -12.95
C LEU A 42 4.65 4.24 -11.44
N GLN A 43 3.79 3.57 -10.70
CA GLN A 43 4.02 3.56 -9.29
C GLN A 43 4.55 2.19 -8.88
N LYS A 44 5.85 2.07 -8.75
CA LYS A 44 6.40 0.81 -8.36
C LYS A 44 6.07 0.59 -6.88
N PRO A 45 5.63 -0.56 -6.34
CA PRO A 45 6.01 -1.08 -5.06
C PRO A 45 6.98 -0.28 -4.26
N GLY A 46 6.29 0.59 -3.51
CA GLY A 46 6.93 1.34 -2.46
C GLY A 46 7.26 2.80 -2.79
N GLN A 47 7.65 3.05 -4.03
CA GLN A 47 8.07 4.37 -4.39
C GLN A 47 6.97 5.27 -4.87
N SER A 48 7.31 6.46 -5.31
CA SER A 48 6.37 7.47 -5.79
C SER A 48 6.29 7.51 -7.32
N PRO A 49 5.26 8.07 -7.97
CA PRO A 49 5.04 7.80 -9.37
C PRO A 49 6.16 8.40 -10.24
N LYS A 50 6.62 7.81 -11.36
CA LYS A 50 7.67 8.31 -12.26
C LYS A 50 7.06 8.73 -13.58
N LEU A 51 7.56 9.69 -14.39
CA LEU A 51 6.97 9.92 -15.72
C LEU A 51 7.70 8.86 -16.51
N LEU A 52 6.97 8.16 -17.41
CA LEU A 52 7.52 7.21 -18.39
C LEU A 52 7.22 7.85 -19.75
N ILE A 53 6.00 7.98 -20.24
CA ILE A 53 5.73 8.38 -21.62
C ILE A 53 5.08 9.68 -21.42
N TYR A 54 5.36 10.72 -22.13
CA TYR A 54 4.64 11.97 -21.91
C TYR A 54 4.25 12.56 -23.26
N LYS A 55 3.12 13.23 -23.33
CA LYS A 55 2.60 13.82 -24.55
C LYS A 55 2.44 12.80 -25.67
N VAL A 56 1.88 11.67 -25.31
CA VAL A 56 1.47 10.52 -26.09
C VAL A 56 2.55 9.66 -26.65
N SER A 57 3.53 10.01 -27.46
CA SER A 57 4.57 9.03 -27.76
C SER A 57 5.90 9.31 -27.09
N ASN A 58 6.16 10.43 -26.43
CA ASN A 58 7.55 10.71 -26.16
C ASN A 58 7.98 10.03 -24.89
N ARG A 59 9.23 9.71 -24.66
CA ARG A 59 9.63 8.96 -23.53
C ARG A 59 10.45 9.86 -22.68
N PHE A 60 10.21 10.00 -21.37
CA PHE A 60 10.97 10.88 -20.51
C PHE A 60 12.35 10.29 -20.43
N SER A 61 13.44 10.94 -20.01
CA SER A 61 14.74 10.26 -20.13
C SER A 61 14.97 9.19 -19.09
N GLY A 62 15.53 8.06 -19.46
CA GLY A 62 15.77 6.99 -18.51
C GLY A 62 14.74 5.92 -18.72
N VAL A 63 13.67 6.04 -19.51
CA VAL A 63 12.75 4.95 -19.59
C VAL A 63 13.16 4.11 -20.78
N PRO A 64 13.30 2.79 -20.56
CA PRO A 64 13.70 1.80 -21.54
C PRO A 64 13.01 1.91 -22.86
N ASP A 65 13.54 1.48 -23.99
CA ASP A 65 12.80 1.62 -25.22
C ASP A 65 11.79 0.49 -25.39
N ARG A 66 11.37 -0.12 -24.31
CA ARG A 66 10.34 -1.12 -24.40
C ARG A 66 9.10 -0.39 -23.91
N PHE A 67 9.09 0.84 -23.40
CA PHE A 67 7.82 1.42 -23.07
C PHE A 67 7.52 2.32 -24.24
N SER A 68 6.41 2.07 -24.94
CA SER A 68 6.11 2.84 -26.12
C SER A 68 4.65 3.30 -26.06
N GLY A 69 4.26 4.54 -26.44
CA GLY A 69 2.88 4.95 -26.28
C GLY A 69 2.34 5.46 -27.60
N SER A 70 1.06 5.24 -27.88
CA SER A 70 0.46 5.60 -29.15
C SER A 70 -0.97 5.93 -28.85
N GLY A 71 -1.70 6.29 -29.90
CA GLY A 71 -3.13 6.57 -29.81
C GLY A 71 -3.39 8.01 -30.22
N SER A 72 -4.60 8.50 -30.38
CA SER A 72 -4.85 9.89 -30.68
C SER A 72 -6.31 10.21 -30.50
N GLY A 73 -6.55 11.46 -30.10
CA GLY A 73 -7.89 11.92 -29.92
C GLY A 73 -8.47 11.48 -28.60
N THR A 74 -8.94 10.22 -28.55
CA THR A 74 -9.61 9.74 -27.35
C THR A 74 -9.26 8.35 -26.89
N ASP A 75 -8.72 7.44 -27.71
CA ASP A 75 -8.25 6.13 -27.24
C ASP A 75 -6.74 6.25 -27.28
N PHE A 76 -6.07 5.90 -26.16
CA PHE A 76 -4.63 5.95 -26.04
C PHE A 76 -4.12 4.62 -25.53
N THR A 77 -2.84 4.18 -25.66
CA THR A 77 -2.33 2.85 -25.29
C THR A 77 -0.81 2.73 -25.05
N LEU A 78 -0.39 1.88 -24.07
CA LEU A 78 0.97 1.66 -23.68
C LEU A 78 1.10 0.20 -24.01
N LYS A 79 2.32 -0.11 -24.49
CA LYS A 79 2.81 -1.40 -24.98
C LYS A 79 4.09 -1.56 -24.17
N ILE A 80 4.20 -2.55 -23.32
CA ILE A 80 5.45 -2.78 -22.60
C ILE A 80 5.90 -3.99 -23.35
N SER A 81 6.96 -4.07 -24.13
CA SER A 81 7.20 -5.31 -24.84
C SER A 81 8.45 -5.95 -24.30
N ARG A 82 8.39 -7.24 -24.13
CA ARG A 82 9.37 -8.04 -23.48
C ARG A 82 9.32 -7.54 -22.06
N VAL A 83 8.26 -7.87 -21.30
CA VAL A 83 8.07 -7.52 -19.91
C VAL A 83 9.18 -8.17 -19.08
N GLU A 84 9.77 -7.54 -18.03
CA GLU A 84 10.85 -8.05 -17.21
C GLU A 84 10.31 -7.91 -15.81
N ALA A 85 10.71 -8.66 -14.78
CA ALA A 85 10.01 -8.55 -13.52
C ALA A 85 10.12 -7.23 -12.81
N GLU A 86 11.14 -6.44 -13.09
CA GLU A 86 11.15 -5.20 -12.37
C GLU A 86 10.27 -4.17 -13.04
N ASP A 87 9.20 -4.59 -13.69
CA ASP A 87 8.23 -3.71 -14.28
C ASP A 87 6.95 -3.80 -13.49
N LEU A 88 6.86 -4.60 -12.43
CA LEU A 88 5.58 -4.69 -11.78
C LEU A 88 5.35 -3.39 -11.04
N GLY A 89 4.12 -2.93 -11.08
CA GLY A 89 3.73 -1.70 -10.46
C GLY A 89 2.35 -1.33 -11.03
N VAL A 90 1.86 -0.12 -10.71
CA VAL A 90 0.50 0.28 -11.10
C VAL A 90 0.78 1.36 -12.12
N TYR A 91 0.21 1.35 -13.33
CA TYR A 91 0.40 2.31 -14.43
C TYR A 91 -0.77 3.25 -14.43
N TYR A 92 -0.63 4.59 -14.39
CA TYR A 92 -1.78 5.52 -14.35
C TYR A 92 -1.74 6.35 -15.60
N CYS A 93 -2.75 6.57 -16.42
CA CYS A 93 -2.62 7.47 -17.56
C CYS A 93 -3.14 8.81 -17.11
N PHE A 94 -2.89 10.01 -17.66
CA PHE A 94 -3.31 11.31 -17.08
C PHE A 94 -3.66 12.31 -18.20
N GLN A 95 -4.33 13.44 -18.08
CA GLN A 95 -4.50 14.42 -19.16
C GLN A 95 -4.27 15.86 -18.65
N GLY A 96 -3.25 16.67 -19.05
CA GLY A 96 -3.13 18.02 -18.50
C GLY A 96 -3.80 18.96 -19.48
N SER A 97 -4.53 18.48 -20.49
CA SER A 97 -4.97 19.39 -21.50
C SER A 97 -6.12 20.14 -20.95
N HIS A 98 -6.87 19.67 -19.98
CA HIS A 98 -7.98 20.51 -19.58
C HIS A 98 -7.92 20.67 -18.06
N VAL A 99 -8.27 21.82 -17.50
CA VAL A 99 -8.28 21.88 -16.05
C VAL A 99 -9.70 21.59 -15.48
N PRO A 100 -9.89 20.70 -14.49
CA PRO A 100 -8.81 19.98 -13.82
C PRO A 100 -8.21 18.77 -14.51
N PRO A 101 -6.88 18.66 -14.43
CA PRO A 101 -6.16 17.52 -14.89
C PRO A 101 -6.59 16.25 -14.17
N THR A 102 -7.28 15.34 -14.87
CA THR A 102 -7.73 14.11 -14.27
C THR A 102 -6.73 12.99 -14.43
N PHE A 103 -6.91 11.83 -13.80
CA PHE A 103 -6.01 10.68 -13.78
C PHE A 103 -6.87 9.43 -14.05
N GLY A 104 -6.35 8.32 -14.57
CA GLY A 104 -7.14 7.14 -14.81
C GLY A 104 -7.13 6.29 -13.58
N GLY A 105 -7.90 5.23 -13.56
CA GLY A 105 -7.98 4.40 -12.36
C GLY A 105 -6.75 3.62 -11.91
N GLY A 106 -5.81 3.22 -12.79
CA GLY A 106 -4.67 2.40 -12.38
C GLY A 106 -4.75 1.04 -13.04
N THR A 107 -3.63 0.40 -13.40
CA THR A 107 -3.61 -0.98 -13.93
C THR A 107 -2.50 -1.72 -13.19
N LYS A 108 -2.79 -2.80 -12.48
CA LYS A 108 -1.75 -3.50 -11.77
C LYS A 108 -1.18 -4.46 -12.84
N LEU A 109 0.13 -4.42 -13.09
CA LEU A 109 0.69 -5.37 -14.04
C LEU A 109 1.25 -6.41 -13.11
N GLU A 110 0.71 -7.65 -13.22
CA GLU A 110 1.08 -8.82 -12.44
C GLU A 110 1.98 -9.76 -13.18
N ILE A 111 3.10 -10.21 -12.66
CA ILE A 111 4.00 -11.16 -13.32
C ILE A 111 3.47 -12.59 -13.10
N LYS A 112 3.06 -13.16 -14.20
CA LYS A 112 2.56 -14.52 -14.25
C LYS A 112 3.66 -15.47 -13.88
N ARG A 113 3.45 -16.66 -13.33
CA ARG A 113 4.53 -17.60 -13.04
C ARG A 113 3.92 -19.00 -12.79
N ALA A 114 4.77 -19.97 -12.46
CA ALA A 114 4.24 -21.31 -12.29
C ALA A 114 3.58 -21.37 -10.92
N ASP A 115 2.45 -22.06 -10.83
CA ASP A 115 1.73 -22.18 -9.60
C ASP A 115 2.58 -22.69 -8.43
N ALA A 116 2.18 -22.21 -7.25
CA ALA A 116 2.80 -22.58 -5.99
C ALA A 116 1.61 -22.78 -5.09
N ALA A 117 1.69 -23.88 -4.35
CA ALA A 117 0.68 -24.24 -3.37
C ALA A 117 1.02 -23.47 -2.07
N PRO A 118 0.07 -22.97 -1.26
CA PRO A 118 0.35 -22.40 0.06
C PRO A 118 1.12 -23.23 1.11
N THR A 119 1.43 -22.61 2.25
CA THR A 119 2.07 -23.26 3.37
C THR A 119 1.28 -22.79 4.58
N VAL A 120 0.28 -23.57 4.96
CA VAL A 120 -0.62 -23.13 6.02
C VAL A 120 0.05 -23.27 7.38
N SER A 121 -0.08 -22.27 8.26
CA SER A 121 0.54 -22.31 9.57
C SER A 121 -0.54 -21.80 10.49
N ILE A 122 -0.98 -22.48 11.54
CA ILE A 122 -2.11 -22.08 12.36
C ILE A 122 -1.56 -21.82 13.73
N PHE A 123 -1.92 -20.78 14.41
CA PHE A 123 -1.30 -20.57 15.69
C PHE A 123 -2.47 -20.61 16.65
N PRO A 124 -2.31 -21.17 17.87
CA PRO A 124 -3.21 -21.10 19.04
C PRO A 124 -3.17 -19.79 19.81
N PRO A 125 -4.19 -19.13 20.39
CA PRO A 125 -4.10 -17.90 21.19
C PRO A 125 -2.93 -17.87 22.19
N SER A 126 -2.16 -16.81 22.41
CA SER A 126 -1.08 -16.98 23.36
C SER A 126 -1.65 -16.80 24.76
N SER A 127 -1.26 -17.60 25.74
CA SER A 127 -1.60 -17.36 27.14
C SER A 127 -1.65 -15.88 27.49
N GLU A 128 -0.65 -15.07 27.08
CA GLU A 128 -0.68 -13.62 27.30
C GLU A 128 -2.00 -12.99 26.85
N GLN A 129 -2.50 -13.39 25.68
CA GLN A 129 -3.68 -12.78 25.12
C GLN A 129 -4.83 -13.14 26.01
N LEU A 130 -4.92 -14.43 26.23
CA LEU A 130 -5.98 -14.97 27.05
C LEU A 130 -6.11 -14.28 28.41
N THR A 131 -5.06 -13.74 29.03
CA THR A 131 -5.23 -13.09 30.33
C THR A 131 -5.80 -11.66 30.22
N SER A 132 -6.70 -11.46 29.23
CA SER A 132 -7.57 -10.31 29.03
C SER A 132 -8.78 -10.69 28.15
N GLY A 133 -9.17 -11.97 28.24
CA GLY A 133 -10.34 -12.47 27.54
C GLY A 133 -10.38 -12.48 26.03
N GLY A 134 -9.44 -11.93 25.24
CA GLY A 134 -9.54 -12.01 23.79
C GLY A 134 -9.09 -13.39 23.35
N ALA A 135 -9.20 -13.81 22.12
CA ALA A 135 -8.56 -15.04 21.69
C ALA A 135 -8.60 -14.94 20.19
N SER A 136 -7.45 -14.80 19.54
CA SER A 136 -7.39 -14.70 18.08
C SER A 136 -6.44 -15.77 17.59
N VAL A 137 -7.08 -16.66 16.81
CA VAL A 137 -6.45 -17.85 16.25
C VAL A 137 -5.95 -17.33 14.90
N VAL A 138 -4.65 -17.35 14.60
CA VAL A 138 -4.09 -16.73 13.39
C VAL A 138 -3.81 -17.81 12.40
N CYS A 139 -4.02 -17.65 11.10
CA CYS A 139 -3.64 -18.69 10.17
C CYS A 139 -2.88 -17.97 9.08
N PHE A 140 -1.75 -18.51 8.65
CA PHE A 140 -0.84 -17.98 7.66
C PHE A 140 -0.79 -18.85 6.44
N LEU A 141 -1.08 -18.31 5.27
CA LEU A 141 -1.04 -19.11 4.08
C LEU A 141 0.14 -18.63 3.23
N ASN A 142 1.26 -18.35 3.82
CA ASN A 142 2.46 -17.88 3.15
C ASN A 142 2.85 -18.53 1.83
N ASN A 143 3.35 -17.75 0.86
CA ASN A 143 4.08 -18.22 -0.33
C ASN A 143 3.43 -18.93 -1.50
N PHE A 144 2.48 -18.34 -2.26
CA PHE A 144 1.78 -19.06 -3.34
C PHE A 144 1.38 -18.31 -4.64
N TYR A 145 1.05 -18.94 -5.79
CA TYR A 145 0.51 -18.22 -6.96
C TYR A 145 -0.60 -19.12 -7.56
N PRO A 146 -1.77 -18.74 -8.12
CA PRO A 146 -2.38 -17.40 -8.18
C PRO A 146 -2.90 -16.77 -6.91
N LYS A 147 -3.21 -15.47 -6.96
CA LYS A 147 -3.70 -14.75 -5.81
C LYS A 147 -4.95 -15.42 -5.28
N ASP A 148 -5.84 -15.85 -6.17
CA ASP A 148 -7.13 -16.39 -5.76
C ASP A 148 -6.90 -17.63 -4.96
N ILE A 149 -7.51 -17.48 -3.77
CA ILE A 149 -7.40 -18.42 -2.67
C ILE A 149 -8.74 -18.44 -1.91
N ASN A 150 -9.04 -19.60 -1.29
CA ASN A 150 -10.24 -19.89 -0.50
C ASN A 150 -9.80 -20.17 0.94
N VAL A 151 -10.28 -19.55 2.02
CA VAL A 151 -9.83 -19.92 3.34
C VAL A 151 -11.04 -19.97 4.26
N LYS A 152 -11.19 -21.06 5.00
CA LYS A 152 -12.34 -21.23 5.87
C LYS A 152 -11.84 -21.77 7.22
N TRP A 153 -12.55 -21.30 8.24
CA TRP A 153 -12.35 -21.63 9.63
C TRP A 153 -13.45 -22.59 10.03
N LYS A 154 -13.19 -23.63 10.78
CA LYS A 154 -14.27 -24.48 11.27
C LYS A 154 -13.94 -24.84 12.71
N ILE A 155 -14.83 -24.57 13.69
CA ILE A 155 -14.45 -24.91 15.04
C ILE A 155 -15.39 -25.97 15.60
N ASP A 156 -14.60 -27.04 15.78
CA ASP A 156 -14.96 -28.39 16.19
C ASP A 156 -15.33 -29.23 15.02
N GLY A 157 -15.60 -28.63 13.87
CA GLY A 157 -15.88 -29.39 12.67
C GLY A 157 -17.17 -28.86 12.05
N SER A 158 -18.01 -28.59 13.04
CA SER A 158 -19.23 -27.89 12.82
C SER A 158 -18.77 -26.44 12.70
N GLU A 159 -19.80 -25.61 12.47
CA GLU A 159 -19.66 -24.18 12.41
C GLU A 159 -18.69 -23.85 11.26
N ARG A 160 -18.25 -22.63 11.33
CA ARG A 160 -17.38 -21.89 10.43
C ARG A 160 -17.45 -20.51 11.09
N GLN A 161 -16.91 -19.37 10.65
CA GLN A 161 -17.27 -18.15 11.34
C GLN A 161 -17.06 -16.91 10.53
N ASN A 162 -17.89 -15.96 10.88
CA ASN A 162 -17.74 -14.60 10.42
C ASN A 162 -17.23 -13.91 11.69
N GLY A 163 -16.50 -12.81 11.54
CA GLY A 163 -15.75 -12.22 12.66
C GLY A 163 -14.28 -12.62 12.40
N VAL A 164 -13.74 -12.17 11.24
CA VAL A 164 -12.46 -12.56 10.68
C VAL A 164 -11.79 -11.37 10.00
N LEU A 165 -10.45 -11.42 9.85
CA LEU A 165 -9.70 -10.44 9.07
C LEU A 165 -8.78 -11.20 8.16
N ASN A 166 -8.66 -10.78 6.90
CA ASN A 166 -7.86 -11.48 5.91
C ASN A 166 -6.97 -10.44 5.33
N SER A 167 -5.68 -10.69 5.14
CA SER A 167 -4.90 -9.69 4.50
C SER A 167 -3.80 -10.32 3.70
N TRP A 168 -3.73 -9.82 2.49
CA TRP A 168 -2.84 -10.35 1.48
C TRP A 168 -1.71 -9.37 1.27
N THR A 169 -0.64 -9.84 0.66
CA THR A 169 0.49 -9.00 0.37
C THR A 169 0.42 -8.66 -1.11
N ASP A 170 1.39 -7.94 -1.67
CA ASP A 170 1.36 -7.71 -3.10
C ASP A 170 2.19 -8.79 -3.77
N GLN A 171 2.41 -8.75 -5.09
CA GLN A 171 3.37 -9.69 -5.61
C GLN A 171 4.70 -9.35 -4.98
N ASP A 172 5.44 -10.36 -4.59
CA ASP A 172 6.74 -10.19 -4.00
C ASP A 172 7.68 -9.86 -5.10
N SER A 173 8.50 -8.88 -4.96
CA SER A 173 9.48 -8.53 -5.96
C SER A 173 10.52 -9.59 -6.27
N LYS A 174 10.93 -10.46 -5.37
CA LYS A 174 11.96 -11.39 -5.80
C LYS A 174 11.41 -12.76 -6.00
N ASP A 175 10.11 -12.87 -6.23
CA ASP A 175 9.50 -14.20 -6.05
C ASP A 175 8.21 -14.46 -6.76
N SER A 176 7.43 -13.41 -6.89
CA SER A 176 6.19 -13.38 -7.60
C SER A 176 5.06 -14.20 -7.02
N THR A 177 5.20 -14.59 -5.77
CA THR A 177 4.15 -15.34 -5.10
C THR A 177 3.40 -14.38 -4.22
N TYR A 178 2.40 -14.80 -3.46
CA TYR A 178 1.76 -13.93 -2.53
C TYR A 178 1.78 -14.61 -1.17
N SER A 179 1.26 -13.98 -0.14
CA SER A 179 1.07 -14.57 1.16
C SER A 179 -0.23 -13.96 1.67
N MET A 180 -0.93 -14.54 2.64
CA MET A 180 -2.14 -13.97 3.23
C MET A 180 -2.23 -14.39 4.69
N SER A 181 -2.75 -13.60 5.67
CA SER A 181 -2.98 -14.05 7.04
C SER A 181 -4.46 -13.87 7.33
N SER A 182 -5.19 -14.89 7.86
CA SER A 182 -6.61 -14.84 8.18
C SER A 182 -6.70 -14.81 9.70
N THR A 183 -7.22 -13.83 10.47
CA THR A 183 -7.33 -13.91 11.95
C THR A 183 -8.76 -14.19 12.40
N LEU A 184 -9.10 -15.27 13.11
CA LEU A 184 -10.47 -15.54 13.56
C LEU A 184 -10.56 -15.08 15.00
N THR A 185 -11.43 -14.13 15.34
CA THR A 185 -11.50 -13.75 16.73
C THR A 185 -12.79 -14.12 17.51
N LEU A 186 -12.46 -14.65 18.68
CA LEU A 186 -13.39 -15.12 19.66
C LEU A 186 -13.09 -14.42 20.99
N THR A 187 -13.72 -14.89 22.08
CA THR A 187 -13.53 -14.41 23.45
C THR A 187 -13.01 -15.63 24.20
N LYS A 188 -12.59 -15.47 25.47
CA LYS A 188 -12.16 -16.56 26.33
C LYS A 188 -13.39 -17.42 26.58
N ASP A 189 -14.55 -16.85 26.94
CA ASP A 189 -15.77 -17.62 27.17
C ASP A 189 -16.08 -18.43 25.91
N GLU A 190 -15.89 -17.93 24.68
CA GLU A 190 -16.16 -18.72 23.48
C GLU A 190 -15.14 -19.82 23.22
N TYR A 191 -13.85 -19.46 23.20
CA TYR A 191 -12.76 -20.38 22.94
C TYR A 191 -12.84 -21.57 23.91
N GLU A 192 -13.16 -21.36 25.21
CA GLU A 192 -13.22 -22.45 26.17
C GLU A 192 -14.43 -23.35 25.96
N ARG A 193 -15.38 -23.04 25.10
CA ARG A 193 -16.45 -24.00 24.90
C ARG A 193 -15.99 -25.10 23.97
N HIS A 194 -14.90 -24.90 23.23
CA HIS A 194 -14.63 -25.76 22.10
C HIS A 194 -13.33 -26.47 22.04
N ASN A 195 -13.12 -27.34 21.04
CA ASN A 195 -11.94 -28.16 21.08
C ASN A 195 -11.06 -28.12 19.86
N SER A 196 -11.48 -28.50 18.66
CA SER A 196 -10.58 -28.53 17.51
C SER A 196 -10.73 -27.27 16.67
N TYR A 197 -9.63 -26.60 16.37
CA TYR A 197 -9.70 -25.41 15.54
C TYR A 197 -8.96 -25.79 14.28
N THR A 198 -9.61 -25.38 13.20
CA THR A 198 -9.14 -25.69 11.88
C THR A 198 -9.09 -24.53 10.88
N CYS A 199 -8.01 -24.60 10.09
CA CYS A 199 -7.77 -23.70 9.00
C CYS A 199 -7.81 -24.57 7.75
N GLU A 200 -8.80 -24.35 6.89
CA GLU A 200 -9.10 -25.15 5.71
C GLU A 200 -8.88 -24.22 4.52
N ALA A 201 -7.86 -24.42 3.70
CA ALA A 201 -7.61 -23.52 2.57
C ALA A 201 -7.51 -24.24 1.23
N THR A 202 -7.98 -23.57 0.18
CA THR A 202 -7.99 -24.17 -1.12
C THR A 202 -7.57 -23.23 -2.25
N HIS A 203 -6.77 -23.86 -3.05
CA HIS A 203 -6.11 -23.24 -4.15
C HIS A 203 -6.43 -24.10 -5.35
N LYS A 204 -5.86 -23.64 -6.45
CA LYS A 204 -5.85 -24.38 -7.71
C LYS A 204 -4.82 -25.52 -7.64
N THR A 205 -3.86 -25.52 -6.76
CA THR A 205 -2.90 -26.59 -6.76
C THR A 205 -3.37 -27.95 -6.18
N SER A 206 -4.60 -28.10 -5.71
CA SER A 206 -4.95 -29.33 -5.02
C SER A 206 -6.45 -29.54 -4.83
N THR A 207 -6.87 -30.81 -5.03
CA THR A 207 -8.26 -31.24 -4.87
C THR A 207 -8.69 -31.34 -3.41
N SER A 208 -7.87 -31.98 -2.55
CA SER A 208 -8.16 -31.95 -1.12
C SER A 208 -7.59 -30.61 -0.60
N PRO A 209 -8.41 -29.82 0.14
CA PRO A 209 -7.97 -28.64 0.85
C PRO A 209 -6.68 -28.90 1.63
N ILE A 210 -5.85 -27.86 1.68
CA ILE A 210 -4.61 -27.86 2.45
C ILE A 210 -5.14 -27.65 3.86
N VAL A 211 -4.64 -28.35 4.89
CA VAL A 211 -5.26 -28.25 6.22
C VAL A 211 -4.38 -28.32 7.45
N LYS A 212 -4.41 -27.24 8.25
CA LYS A 212 -3.62 -27.17 9.45
C LYS A 212 -4.54 -27.03 10.66
N SER A 213 -4.22 -27.71 11.77
CA SER A 213 -5.04 -27.73 12.98
C SER A 213 -4.36 -27.94 14.32
N PHE A 214 -5.04 -27.61 15.40
CA PHE A 214 -4.53 -27.84 16.75
C PHE A 214 -5.66 -28.30 17.67
N ASN A 215 -5.40 -29.09 18.72
CA ASN A 215 -6.47 -29.49 19.64
C ASN A 215 -6.33 -28.68 20.89
N ARG A 216 -7.24 -27.71 20.92
CA ARG A 216 -7.30 -26.61 21.87
C ARG A 216 -6.53 -26.47 23.18
N ASN A 217 -6.35 -27.44 24.06
CA ASN A 217 -5.89 -27.07 25.40
C ASN A 217 -4.40 -26.93 25.72
N GLU A 218 -3.82 -26.09 24.87
CA GLU A 218 -2.48 -25.58 24.95
C GLU A 218 -2.77 -24.11 24.78
N CYS A 219 -3.04 -23.50 25.92
CA CYS A 219 -3.47 -22.10 26.03
C CYS A 219 -2.25 -21.14 25.92
N GLU B 1 20.15 17.53 -8.83
CA GLU B 1 19.12 16.67 -9.35
C GLU B 1 17.99 17.08 -8.43
N VAL B 2 16.77 16.95 -8.93
CA VAL B 2 15.58 17.51 -8.33
C VAL B 2 15.28 16.76 -7.08
N GLN B 3 14.91 17.32 -5.94
CA GLN B 3 14.49 16.57 -4.77
C GLN B 3 13.42 17.44 -4.25
N LEU B 4 12.31 16.86 -3.86
CA LEU B 4 11.21 17.61 -3.31
C LEU B 4 10.91 16.82 -2.02
N VAL B 5 10.96 17.36 -0.80
CA VAL B 5 10.76 16.55 0.40
C VAL B 5 9.68 17.22 1.22
N GLU B 6 8.62 16.53 1.65
CA GLU B 6 7.48 17.15 2.29
C GLU B 6 7.32 16.71 3.74
N SER B 7 6.68 17.48 4.63
CA SER B 7 6.54 17.16 6.04
C SER B 7 5.25 17.76 6.54
N GLY B 8 4.63 17.28 7.64
CA GLY B 8 3.42 17.89 8.20
C GLY B 8 2.25 16.95 8.55
N GLY B 9 1.96 15.91 7.77
CA GLY B 9 0.81 15.08 8.03
C GLY B 9 0.87 14.48 9.40
N ASP B 10 -0.18 14.67 10.17
CA ASP B 10 -0.28 14.18 11.51
C ASP B 10 -1.70 13.63 11.68
N LEU B 11 -2.24 13.18 12.84
CA LEU B 11 -3.61 12.65 12.87
C LEU B 11 -4.39 13.93 13.04
N VAL B 12 -5.36 14.30 12.24
CA VAL B 12 -6.12 15.50 12.51
C VAL B 12 -7.50 14.91 12.73
N LYS B 13 -8.31 15.70 13.43
CA LYS B 13 -9.69 15.44 13.78
C LYS B 13 -10.58 16.09 12.72
N PRO B 14 -11.84 15.78 12.41
CA PRO B 14 -12.73 16.47 11.48
C PRO B 14 -13.12 17.83 11.99
N GLY B 15 -13.20 18.84 11.15
CA GLY B 15 -13.45 20.17 11.66
C GLY B 15 -12.14 20.91 11.75
N GLY B 16 -11.02 20.17 11.86
CA GLY B 16 -9.63 20.64 12.05
C GLY B 16 -9.00 21.48 10.97
N SER B 17 -7.67 21.58 11.04
CA SER B 17 -6.87 22.41 10.16
C SER B 17 -5.44 21.87 10.22
N LEU B 18 -4.64 21.68 9.17
CA LEU B 18 -3.20 21.34 9.30
C LEU B 18 -2.49 22.21 8.22
N LYS B 19 -1.16 22.20 8.11
CA LYS B 19 -0.40 22.88 7.07
C LYS B 19 0.81 22.02 6.79
N LEU B 20 0.88 21.51 5.58
CA LEU B 20 1.93 20.60 5.17
C LEU B 20 2.98 21.44 4.47
N SER B 21 4.18 21.02 4.23
CA SER B 21 5.14 21.91 3.66
C SER B 21 5.92 21.11 2.64
N CYS B 22 6.82 21.64 1.81
CA CYS B 22 7.59 20.82 0.92
C CYS B 22 8.83 21.62 0.63
N ALA B 23 10.00 21.00 0.61
CA ALA B 23 11.24 21.69 0.42
C ALA B 23 11.73 21.29 -0.93
N ALA B 24 12.25 22.19 -1.78
CA ALA B 24 12.76 21.75 -3.07
C ALA B 24 14.22 22.11 -3.06
N SER B 25 15.05 21.44 -3.82
CA SER B 25 16.47 21.69 -3.80
C SER B 25 16.89 21.01 -5.06
N GLY B 26 17.73 21.62 -5.86
CA GLY B 26 18.20 20.93 -7.05
C GLY B 26 17.77 21.61 -8.31
N PHE B 27 17.14 22.78 -8.37
CA PHE B 27 16.71 23.37 -9.63
C PHE B 27 16.23 24.81 -9.38
N THR B 28 16.04 25.79 -10.28
CA THR B 28 15.63 27.13 -9.88
C THR B 28 14.15 27.14 -9.63
N PHE B 29 13.67 26.85 -8.45
CA PHE B 29 12.28 26.81 -8.13
C PHE B 29 11.44 27.94 -8.75
N SER B 30 11.94 29.18 -8.75
CA SER B 30 11.14 30.28 -9.23
C SER B 30 10.74 30.16 -10.67
N ARG B 31 11.27 29.28 -11.54
CA ARG B 31 10.75 29.26 -12.88
C ARG B 31 9.76 28.15 -13.14
N CYS B 32 9.61 27.29 -12.10
CA CYS B 32 8.79 26.13 -12.26
C CYS B 32 7.52 26.35 -11.47
N ALA B 33 6.36 26.16 -12.12
CA ALA B 33 5.06 26.13 -11.48
C ALA B 33 5.08 24.94 -10.56
N MET B 34 4.20 24.68 -9.61
CA MET B 34 4.39 23.52 -8.76
C MET B 34 3.00 23.07 -8.47
N SER B 35 2.82 21.94 -7.80
CA SER B 35 1.48 21.41 -7.65
C SER B 35 1.43 20.52 -6.43
N TRP B 36 0.27 20.10 -5.88
CA TRP B 36 0.17 19.16 -4.76
C TRP B 36 -0.89 18.22 -5.31
N VAL B 37 -0.48 16.98 -5.54
CA VAL B 37 -1.31 15.92 -6.06
C VAL B 37 -1.48 15.03 -4.81
N ARG B 38 -2.60 14.29 -4.57
CA ARG B 38 -2.81 13.42 -3.41
C ARG B 38 -3.20 11.98 -3.71
N GLN B 39 -2.75 10.93 -2.98
CA GLN B 39 -3.21 9.57 -3.25
C GLN B 39 -4.14 8.97 -2.18
N THR B 40 -5.44 8.90 -2.49
CA THR B 40 -6.53 8.46 -1.66
C THR B 40 -6.28 7.11 -1.05
N PRO B 41 -6.70 6.56 0.11
CA PRO B 41 -6.27 5.24 0.55
C PRO B 41 -6.71 4.10 -0.37
N GLU B 42 -7.65 4.37 -1.27
CA GLU B 42 -8.02 3.40 -2.32
C GLU B 42 -7.04 3.53 -3.50
N LYS B 43 -5.84 4.11 -3.43
CA LYS B 43 -4.88 4.30 -4.52
C LYS B 43 -5.31 5.15 -5.72
N ARG B 44 -6.46 5.81 -5.81
CA ARG B 44 -6.78 6.60 -6.98
C ARG B 44 -6.21 7.99 -6.72
N LEU B 45 -5.59 8.64 -7.72
CA LEU B 45 -4.85 9.88 -7.54
C LEU B 45 -5.75 11.08 -7.90
N GLU B 46 -5.72 12.13 -7.09
CA GLU B 46 -6.53 13.31 -7.28
C GLU B 46 -5.57 14.49 -7.28
N TRP B 47 -5.73 15.60 -8.00
CA TRP B 47 -4.81 16.74 -8.07
C TRP B 47 -5.45 17.68 -7.12
N VAL B 48 -4.90 18.44 -6.18
CA VAL B 48 -5.73 19.33 -5.41
C VAL B 48 -5.37 20.78 -5.45
N ALA B 49 -4.17 21.25 -5.79
CA ALA B 49 -3.91 22.66 -5.90
C ALA B 49 -2.82 22.90 -6.88
N GLY B 50 -2.77 23.95 -7.67
CA GLY B 50 -1.61 24.16 -8.56
C GLY B 50 -1.16 25.60 -8.55
N ILE B 51 0.10 26.00 -8.72
CA ILE B 51 0.51 27.37 -8.48
C ILE B 51 1.51 27.80 -9.51
N SER B 52 1.39 29.05 -9.87
CA SER B 52 2.28 29.65 -10.84
C SER B 52 3.61 30.02 -10.26
N SER B 53 4.60 30.21 -11.14
CA SER B 53 5.94 30.53 -10.72
C SER B 53 6.06 31.75 -9.91
N GLY B 54 5.08 32.64 -9.75
CA GLY B 54 5.34 33.81 -8.96
C GLY B 54 4.36 33.87 -7.83
N GLY B 55 3.48 32.89 -7.65
CA GLY B 55 2.54 32.96 -6.56
C GLY B 55 1.37 33.79 -6.98
N SER B 56 1.29 34.30 -8.22
CA SER B 56 0.10 35.11 -8.50
C SER B 56 -1.11 34.25 -8.73
N TYR B 57 -0.92 33.14 -9.42
CA TYR B 57 -2.04 32.37 -9.84
C TYR B 57 -2.03 31.07 -9.15
N THR B 58 -3.28 30.80 -8.82
CA THR B 58 -3.68 29.73 -7.96
C THR B 58 -4.88 28.94 -8.49
N PHE B 59 -4.84 27.63 -8.71
CA PHE B 59 -5.95 26.98 -9.33
C PHE B 59 -6.42 25.92 -8.36
N TYR B 60 -7.73 25.65 -8.20
CA TYR B 60 -8.19 24.58 -7.32
C TYR B 60 -9.38 23.79 -7.88
N PRO B 61 -9.49 22.49 -7.61
CA PRO B 61 -10.65 21.74 -7.89
C PRO B 61 -11.75 22.16 -6.93
N ASP B 62 -12.91 21.92 -7.50
CA ASP B 62 -14.12 22.25 -6.85
C ASP B 62 -14.11 21.63 -5.48
N THR B 63 -13.54 20.47 -5.14
CA THR B 63 -13.77 19.91 -3.81
C THR B 63 -13.03 20.53 -2.65
N VAL B 64 -11.88 21.15 -2.96
CA VAL B 64 -10.99 21.77 -1.99
C VAL B 64 -11.11 23.28 -2.05
N LYS B 65 -11.65 23.84 -3.12
CA LYS B 65 -11.84 25.28 -3.22
C LYS B 65 -12.49 25.84 -1.95
N GLY B 66 -11.96 26.92 -1.42
CA GLY B 66 -12.56 27.48 -0.23
C GLY B 66 -11.84 26.97 1.01
N ARG B 67 -11.52 25.67 1.07
CA ARG B 67 -10.91 25.14 2.28
C ARG B 67 -9.42 24.97 2.19
N PHE B 68 -8.73 24.91 1.02
CA PHE B 68 -7.28 24.78 0.99
C PHE B 68 -6.66 26.00 0.35
N ILE B 69 -5.57 26.52 0.90
CA ILE B 69 -4.87 27.67 0.34
C ILE B 69 -3.47 27.17 -0.07
N ILE B 70 -2.88 27.39 -1.25
CA ILE B 70 -1.54 26.93 -1.61
C ILE B 70 -0.65 28.16 -1.74
N SER B 71 0.65 28.18 -1.48
CA SER B 71 1.42 29.39 -1.63
C SER B 71 2.84 29.02 -1.71
N ARG B 72 3.77 29.92 -1.92
CA ARG B 72 5.18 29.51 -2.05
C ARG B 72 6.27 30.48 -1.62
N ASN B 73 7.27 30.20 -0.79
CA ASN B 73 8.30 31.20 -0.49
C ASN B 73 9.37 30.97 -1.53
N ASN B 74 9.36 31.70 -2.66
CA ASN B 74 10.37 31.55 -3.71
C ASN B 74 11.74 31.96 -3.21
N ALA B 75 12.00 32.33 -1.96
CA ALA B 75 13.37 32.68 -1.54
C ALA B 75 14.09 31.68 -0.62
N ARG B 76 13.42 30.77 0.07
CA ARG B 76 14.05 29.79 0.97
C ARG B 76 13.42 28.47 0.47
N ASN B 77 13.55 28.22 -0.82
CA ASN B 77 12.58 27.40 -1.56
C ASN B 77 11.74 26.28 -0.95
N THR B 78 10.57 26.75 -0.48
CA THR B 78 9.53 25.93 0.15
C THR B 78 8.25 26.25 -0.62
N LEU B 79 7.37 25.27 -0.69
CA LEU B 79 6.05 25.37 -1.30
C LEU B 79 5.19 24.80 -0.17
N SER B 80 3.94 25.24 0.06
CA SER B 80 3.11 24.79 1.16
C SER B 80 1.65 24.48 0.83
N LEU B 81 0.81 24.08 1.81
CA LEU B 81 -0.61 23.90 1.57
C LEU B 81 -1.22 24.00 2.97
N GLN B 82 -2.02 25.01 3.24
CA GLN B 82 -2.59 25.19 4.54
C GLN B 82 -3.96 24.64 4.28
N MET B 83 -4.44 23.80 5.17
CA MET B 83 -5.65 23.03 5.00
C MET B 83 -6.64 23.44 6.08
N SER B 84 -7.84 23.95 5.79
CA SER B 84 -8.80 24.35 6.81
C SER B 84 -9.91 23.27 6.88
N SER B 85 -11.15 23.55 7.31
CA SER B 85 -12.26 22.61 7.49
C SER B 85 -12.22 21.15 7.01
N LEU B 86 -11.20 20.41 7.42
CA LEU B 86 -11.04 19.05 6.98
C LEU B 86 -12.24 18.15 7.28
N ARG B 87 -12.41 17.16 6.41
CA ARG B 87 -13.41 16.09 6.45
C ARG B 87 -12.66 14.78 6.39
N SER B 88 -13.26 13.61 6.57
CA SER B 88 -12.51 12.36 6.53
C SER B 88 -12.11 12.00 5.13
N GLU B 89 -12.93 12.32 4.14
CA GLU B 89 -12.49 12.16 2.76
C GLU B 89 -11.09 12.72 2.47
N ASP B 90 -10.56 13.70 3.22
CA ASP B 90 -9.27 14.24 2.85
C ASP B 90 -8.03 13.42 3.27
N THR B 91 -8.21 12.23 3.88
CA THR B 91 -7.13 11.32 4.29
C THR B 91 -6.34 10.94 3.03
N ALA B 92 -4.98 10.83 3.00
CA ALA B 92 -4.23 10.45 1.79
C ALA B 92 -2.73 10.73 1.86
N ILE B 93 -1.93 10.39 0.85
CA ILE B 93 -0.49 10.69 0.91
C ILE B 93 -0.41 11.98 0.07
N TYR B 94 0.14 13.06 0.57
CA TYR B 94 0.09 14.28 -0.22
C TYR B 94 1.43 14.37 -0.83
N TYR B 95 1.47 14.73 -2.10
CA TYR B 95 2.65 14.67 -2.92
C TYR B 95 2.86 16.06 -3.40
N CYS B 96 4.10 16.45 -3.30
CA CYS B 96 4.52 17.77 -3.63
C CYS B 96 4.95 17.50 -5.02
N THR B 97 4.47 18.14 -6.04
CA THR B 97 4.86 17.77 -7.41
C THR B 97 5.36 18.93 -8.21
N ARG B 98 6.30 18.70 -9.11
CA ARG B 98 6.98 19.76 -9.79
C ARG B 98 6.44 19.78 -11.19
N TYR B 99 5.79 20.83 -11.69
CA TYR B 99 5.22 20.99 -13.05
C TYR B 99 6.27 21.03 -14.11
N SER B 100 5.94 20.64 -15.32
CA SER B 100 6.96 20.61 -16.33
C SER B 100 7.28 22.01 -16.77
N SER B 101 8.27 22.13 -17.65
CA SER B 101 8.68 23.39 -18.28
C SER B 101 7.55 23.75 -19.21
N ASP B 102 7.00 22.70 -19.76
CA ASP B 102 5.89 22.83 -20.61
C ASP B 102 4.81 22.52 -19.58
N PRO B 103 4.12 23.47 -18.94
CA PRO B 103 3.38 23.26 -17.71
C PRO B 103 2.10 22.47 -17.85
N PHE B 104 1.94 21.29 -18.50
CA PHE B 104 0.65 20.56 -18.31
C PHE B 104 0.78 19.18 -17.67
N TYR B 105 1.95 18.74 -17.25
CA TYR B 105 2.16 17.41 -16.68
C TYR B 105 3.25 17.59 -15.68
N PHE B 106 3.41 16.59 -14.82
CA PHE B 106 4.37 16.80 -13.76
C PHE B 106 5.58 15.98 -14.13
N ASP B 107 6.81 16.38 -13.84
CA ASP B 107 7.88 15.46 -14.10
C ASP B 107 8.46 14.85 -12.83
N TYR B 108 8.66 15.51 -11.68
CA TYR B 108 9.15 14.83 -10.49
C TYR B 108 8.13 14.87 -9.40
N TRP B 109 8.07 13.92 -8.46
CA TRP B 109 7.10 13.86 -7.36
C TRP B 109 7.79 13.70 -5.99
N GLY B 110 7.34 14.32 -4.93
CA GLY B 110 7.93 14.10 -3.65
C GLY B 110 7.65 12.66 -3.21
N GLN B 111 8.18 12.38 -1.97
CA GLN B 111 8.06 11.09 -1.30
C GLN B 111 6.73 10.91 -0.58
N GLY B 112 6.08 11.98 -0.10
CA GLY B 112 4.69 11.88 0.35
C GLY B 112 4.50 12.04 1.84
N THR B 113 3.37 12.63 2.35
CA THR B 113 3.07 12.62 3.79
C THR B 113 1.63 12.24 4.08
N THR B 114 1.35 11.23 4.91
CA THR B 114 -0.02 10.80 5.15
C THR B 114 -0.69 11.82 6.06
N LEU B 115 -1.88 12.24 5.76
CA LEU B 115 -2.67 13.09 6.61
C LEU B 115 -3.74 12.06 7.03
N THR B 116 -4.21 11.95 8.28
CA THR B 116 -5.27 11.00 8.58
C THR B 116 -6.39 11.89 9.11
N VAL B 117 -7.65 11.90 8.68
CA VAL B 117 -8.62 12.74 9.33
C VAL B 117 -9.61 11.81 10.02
N SER B 118 -9.67 11.78 11.35
CA SER B 118 -10.50 10.85 12.08
C SER B 118 -10.67 11.28 13.52
N SER B 119 -11.76 10.78 14.06
CA SER B 119 -12.13 11.02 15.43
C SER B 119 -11.76 9.88 16.37
N ALA B 120 -10.90 8.97 15.95
CA ALA B 120 -10.50 7.95 16.87
C ALA B 120 -9.37 8.60 17.64
N LYS B 121 -9.28 8.23 18.90
CA LYS B 121 -8.28 8.73 19.84
C LYS B 121 -7.12 7.76 19.63
N THR B 122 -5.86 8.18 19.60
CA THR B 122 -4.83 7.20 19.30
C THR B 122 -4.80 6.11 20.41
N THR B 123 -4.36 4.88 20.08
CA THR B 123 -4.16 3.81 21.04
C THR B 123 -2.79 3.18 20.68
N PRO B 124 -1.95 2.77 21.63
CA PRO B 124 -0.83 1.88 21.44
C PRO B 124 -1.22 0.51 20.90
N PRO B 125 -0.30 -0.38 20.57
CA PRO B 125 -0.58 -1.77 20.24
C PRO B 125 -0.34 -2.79 21.32
N SER B 126 -0.90 -3.96 21.16
CA SER B 126 -0.63 -5.05 22.06
C SER B 126 0.00 -6.04 21.12
N VAL B 127 1.18 -6.49 21.45
CA VAL B 127 1.93 -7.35 20.57
C VAL B 127 1.87 -8.68 21.27
N TYR B 128 1.45 -9.75 20.63
CA TYR B 128 1.49 -11.05 21.24
C TYR B 128 2.35 -11.90 20.31
N PRO B 129 3.12 -12.85 20.78
CA PRO B 129 3.85 -13.75 19.94
C PRO B 129 2.97 -14.93 19.52
N LEU B 130 3.20 -15.58 18.42
CA LEU B 130 2.49 -16.76 18.05
C LEU B 130 3.68 -17.73 17.85
N ALA B 131 3.72 -18.85 18.59
CA ALA B 131 4.82 -19.82 18.52
C ALA B 131 4.28 -21.07 17.88
N PRO B 132 5.01 -22.01 17.25
CA PRO B 132 4.52 -23.17 16.48
C PRO B 132 3.22 -23.83 16.89
N GLY B 133 3.09 -23.71 18.21
CA GLY B 133 1.82 -23.88 18.87
C GLY B 133 1.73 -25.25 19.47
N SER B 134 1.25 -26.12 18.60
CA SER B 134 1.11 -27.46 19.05
C SER B 134 2.46 -28.16 18.88
N ALA B 135 2.51 -29.49 18.70
CA ALA B 135 3.73 -30.27 18.64
C ALA B 135 4.95 -29.89 17.74
N ALA B 136 4.94 -28.69 17.14
CA ALA B 136 5.93 -28.10 16.26
C ALA B 136 5.89 -28.87 14.94
N GLN B 137 6.42 -30.11 14.97
CA GLN B 137 6.66 -31.00 13.85
C GLN B 137 7.93 -30.49 13.15
N THR B 138 8.82 -31.46 13.06
CA THR B 138 10.16 -31.21 12.62
C THR B 138 10.32 -31.39 11.13
N ASN B 139 10.61 -30.33 10.38
CA ASN B 139 11.04 -30.55 9.00
C ASN B 139 11.72 -29.30 8.49
N SER B 140 12.94 -29.24 9.01
CA SER B 140 13.93 -28.22 8.70
C SER B 140 13.50 -26.79 9.05
N MET B 141 12.32 -26.23 8.78
CA MET B 141 12.08 -24.83 9.04
C MET B 141 10.78 -24.57 9.73
N VAL B 142 10.71 -23.52 10.55
CA VAL B 142 9.53 -23.15 11.30
C VAL B 142 9.07 -21.69 11.14
N THR B 143 7.73 -21.50 11.14
CA THR B 143 7.07 -20.20 11.01
C THR B 143 6.61 -19.81 12.43
N LEU B 144 7.08 -18.64 12.87
CA LEU B 144 6.79 -18.00 14.15
C LEU B 144 6.28 -16.63 13.78
N GLY B 145 5.81 -15.80 14.69
CA GLY B 145 5.42 -14.48 14.26
C GLY B 145 4.68 -13.70 15.32
N CYS B 146 4.34 -12.46 14.96
CA CYS B 146 3.67 -11.50 15.79
C CYS B 146 2.29 -11.22 15.32
N LEU B 147 1.43 -10.80 16.26
CA LEU B 147 0.09 -10.23 16.03
C LEU B 147 0.14 -8.85 16.71
N VAL B 148 -0.05 -7.74 15.98
CA VAL B 148 -0.04 -6.41 16.53
C VAL B 148 -1.49 -5.95 16.41
N LYS B 149 -2.02 -5.81 17.59
CA LYS B 149 -3.42 -5.71 17.73
C LYS B 149 -3.82 -4.45 18.40
N GLY B 150 -4.84 -3.84 17.84
CA GLY B 150 -5.55 -2.81 18.52
C GLY B 150 -4.82 -1.51 18.59
N TYR B 151 -4.32 -0.98 17.47
CA TYR B 151 -3.66 0.32 17.55
C TYR B 151 -4.39 1.27 16.61
N PHE B 152 -4.08 2.57 16.58
CA PHE B 152 -4.70 3.53 15.66
C PHE B 152 -3.98 4.82 15.94
N PRO B 153 -3.45 5.66 15.01
CA PRO B 153 -3.39 5.41 13.56
C PRO B 153 -2.24 4.55 13.01
N GLU B 154 -2.01 4.44 11.71
CA GLU B 154 -0.89 3.67 11.17
C GLU B 154 0.21 4.73 11.09
N PRO B 155 1.43 4.53 11.55
CA PRO B 155 2.19 3.31 11.37
C PRO B 155 2.76 2.54 12.57
N VAL B 156 3.10 1.27 12.35
CA VAL B 156 3.93 0.49 13.26
C VAL B 156 5.07 0.00 12.37
N THR B 157 6.21 -0.38 12.94
CA THR B 157 7.26 -0.96 12.16
C THR B 157 7.57 -2.30 12.82
N VAL B 158 7.52 -3.43 12.10
CA VAL B 158 7.85 -4.75 12.62
C VAL B 158 9.21 -5.18 12.05
N THR B 159 10.12 -5.61 12.93
CA THR B 159 11.51 -5.91 12.67
C THR B 159 11.81 -7.11 13.56
N TRP B 160 12.57 -8.08 13.05
CA TRP B 160 12.88 -9.32 13.75
C TRP B 160 14.36 -9.34 14.14
N ASN B 161 14.67 -9.62 15.40
CA ASN B 161 16.05 -9.59 15.90
C ASN B 161 16.80 -8.33 15.49
N SER B 162 16.22 -7.17 15.80
CA SER B 162 16.78 -5.87 15.45
C SER B 162 17.14 -5.61 13.99
N GLY B 163 16.85 -6.51 13.06
CA GLY B 163 17.15 -6.28 11.66
C GLY B 163 18.02 -7.38 11.09
N SER B 164 18.62 -8.24 11.91
CA SER B 164 19.40 -9.31 11.34
C SER B 164 18.39 -10.26 10.73
N LEU B 165 17.22 -10.56 11.32
CA LEU B 165 16.26 -11.45 10.68
C LEU B 165 15.59 -10.54 9.70
N SER B 166 16.02 -10.88 8.49
CA SER B 166 15.74 -10.04 7.37
C SER B 166 15.24 -10.84 6.21
N SER B 167 15.74 -12.05 6.05
CA SER B 167 15.12 -12.93 5.08
C SER B 167 13.83 -13.49 5.74
N GLY B 168 13.10 -14.32 5.02
CA GLY B 168 11.93 -15.04 5.49
C GLY B 168 10.70 -14.29 5.92
N VAL B 169 10.74 -13.04 6.34
CA VAL B 169 9.59 -12.38 6.94
C VAL B 169 8.50 -11.96 5.98
N HIS B 170 7.28 -11.61 6.39
CA HIS B 170 6.20 -11.17 5.51
C HIS B 170 5.42 -10.30 6.47
N THR B 171 5.07 -9.06 6.17
CA THR B 171 4.43 -8.24 7.18
C THR B 171 3.18 -7.69 6.54
N PHE B 172 2.05 -8.31 6.87
CA PHE B 172 0.83 -8.14 6.13
C PHE B 172 0.31 -6.77 6.38
N PRO B 173 -0.18 -6.12 5.33
CA PRO B 173 -1.05 -5.00 5.41
C PRO B 173 -2.05 -5.03 6.55
N ALA B 174 -2.24 -3.85 7.14
CA ALA B 174 -3.11 -3.66 8.27
C ALA B 174 -4.54 -3.61 7.84
N VAL B 175 -5.41 -4.31 8.59
CA VAL B 175 -6.84 -4.23 8.35
C VAL B 175 -7.43 -3.36 9.45
N LEU B 176 -8.24 -2.38 9.13
CA LEU B 176 -8.82 -1.50 10.11
C LEU B 176 -10.14 -2.12 10.43
N GLN B 177 -10.42 -2.62 11.64
CA GLN B 177 -11.79 -3.04 11.89
C GLN B 177 -12.59 -1.92 12.58
N SER B 178 -13.04 -1.95 13.81
CA SER B 178 -13.89 -0.87 14.25
C SER B 178 -12.87 0.12 14.73
N ASP B 179 -12.58 1.14 13.91
CA ASP B 179 -11.59 2.16 14.22
C ASP B 179 -10.22 1.80 14.85
N LEU B 180 -9.92 0.52 14.98
CA LEU B 180 -8.68 0.05 15.50
C LEU B 180 -8.18 -0.88 14.45
N TYR B 181 -6.92 -0.80 14.09
CA TYR B 181 -6.29 -1.71 13.15
C TYR B 181 -5.78 -2.97 13.86
N THR B 182 -5.39 -3.98 13.04
CA THR B 182 -4.71 -5.22 13.43
C THR B 182 -3.77 -5.56 12.27
N LEU B 183 -2.58 -6.02 12.56
CA LEU B 183 -1.56 -6.31 11.56
C LEU B 183 -0.81 -7.51 12.10
N SER B 184 -0.21 -8.40 11.33
CA SER B 184 0.49 -9.56 11.84
C SER B 184 1.75 -9.70 10.97
N SER B 185 2.85 -10.41 11.32
CA SER B 185 4.04 -10.57 10.49
C SER B 185 4.59 -11.92 10.88
N SER B 186 5.08 -12.78 9.96
CA SER B 186 5.58 -14.14 10.23
C SER B 186 7.07 -14.25 9.98
N VAL B 187 7.76 -15.31 10.36
CA VAL B 187 9.15 -15.41 10.01
C VAL B 187 9.49 -16.88 9.93
N THR B 188 10.25 -17.30 8.95
CA THR B 188 10.57 -18.70 8.76
C THR B 188 12.05 -18.83 8.97
N VAL B 189 12.37 -19.59 10.02
CA VAL B 189 13.75 -19.83 10.38
C VAL B 189 14.06 -21.31 10.23
N PRO B 190 15.29 -21.71 9.96
CA PRO B 190 15.70 -23.11 10.05
C PRO B 190 15.53 -23.63 11.49
N SER B 191 15.31 -24.91 11.76
CA SER B 191 15.11 -25.38 13.12
C SER B 191 16.50 -25.65 13.67
N SER B 192 17.01 -24.65 14.34
CA SER B 192 18.28 -24.71 15.03
C SER B 192 18.12 -23.55 16.04
N PRO B 193 17.79 -22.28 15.70
CA PRO B 193 17.24 -21.35 16.67
C PRO B 193 15.84 -21.72 17.15
N ARG B 194 15.36 -20.81 17.97
CA ARG B 194 14.08 -20.87 18.66
C ARG B 194 13.91 -21.99 19.73
N PRO B 195 14.24 -23.24 19.52
CA PRO B 195 15.34 -23.81 20.23
C PRO B 195 16.53 -22.91 20.60
N SER B 196 17.76 -23.15 20.14
CA SER B 196 18.91 -22.47 20.72
C SER B 196 18.84 -20.95 20.78
N GLU B 197 18.57 -20.35 19.63
CA GLU B 197 18.61 -18.90 19.55
C GLU B 197 17.27 -18.17 19.70
N THR B 198 17.37 -17.05 20.36
CA THR B 198 16.34 -16.08 20.61
C THR B 198 15.58 -15.51 19.40
N VAL B 199 14.28 -15.63 19.15
CA VAL B 199 13.70 -14.76 18.12
C VAL B 199 12.93 -13.68 18.84
N THR B 200 13.33 -12.43 18.83
CA THR B 200 12.53 -11.38 19.43
C THR B 200 11.85 -10.77 18.22
N CYS B 201 10.83 -9.98 18.47
CA CYS B 201 9.98 -9.41 17.46
C CYS B 201 9.86 -8.00 17.97
N ASN B 202 10.11 -7.00 17.12
CA ASN B 202 10.29 -5.64 17.59
C ASN B 202 9.34 -4.64 16.96
N VAL B 203 8.18 -4.32 17.57
CA VAL B 203 7.28 -3.36 16.91
C VAL B 203 7.43 -2.08 17.66
N ALA B 204 7.09 -1.00 16.98
CA ALA B 204 7.27 0.33 17.51
C ALA B 204 6.17 1.14 16.91
N HIS B 205 5.55 2.06 17.66
CA HIS B 205 4.45 2.79 17.13
C HIS B 205 4.70 4.26 17.33
N PRO B 206 5.33 4.89 16.34
CA PRO B 206 5.42 6.35 16.20
C PRO B 206 4.39 7.24 16.92
N ALA B 207 3.09 7.26 16.59
CA ALA B 207 2.11 8.13 17.27
C ALA B 207 2.16 8.24 18.79
N SER B 208 2.33 7.08 19.43
CA SER B 208 2.28 7.03 20.87
C SER B 208 3.68 6.72 21.36
N SER B 209 4.76 6.87 20.57
CA SER B 209 6.09 6.42 20.94
C SER B 209 6.02 4.90 21.17
N THR B 210 5.94 4.20 22.33
CA THR B 210 5.84 2.73 22.39
C THR B 210 6.77 1.85 21.56
N LYS B 211 7.79 1.28 22.17
CA LYS B 211 8.60 0.28 21.49
C LYS B 211 8.26 -0.97 22.29
N VAL B 212 8.14 -2.16 21.72
CA VAL B 212 7.85 -3.39 22.43
C VAL B 212 8.67 -4.40 21.67
N ASP B 213 9.39 -5.25 22.40
CA ASP B 213 10.26 -6.26 21.86
C ASP B 213 9.77 -7.58 22.45
N LYS B 214 8.84 -8.34 21.85
CA LYS B 214 8.42 -9.59 22.48
C LYS B 214 9.33 -10.71 22.02
N LYS B 215 9.44 -11.77 22.79
CA LYS B 215 10.31 -12.87 22.45
C LYS B 215 9.45 -14.04 22.11
N ILE B 216 9.90 -14.90 21.24
CA ILE B 216 9.09 -16.02 20.85
C ILE B 216 9.71 -17.22 21.55
N VAL B 217 9.09 -17.51 22.66
CA VAL B 217 9.40 -18.68 23.45
C VAL B 217 8.29 -19.69 23.18
N PRO B 218 8.48 -21.01 23.35
CA PRO B 218 7.56 -22.04 22.93
C PRO B 218 6.44 -22.13 23.92
N ARG B 219 5.20 -21.85 23.58
CA ARG B 219 4.16 -22.02 24.57
C ARG B 219 3.83 -23.49 24.46
N ASP B 220 3.66 -24.14 25.62
CA ASP B 220 3.09 -25.49 25.65
C ASP B 220 1.78 -25.59 26.44
N CYS B 221 1.66 -24.86 27.58
CA CYS B 221 0.51 -24.84 28.53
C CYS B 221 0.63 -26.00 29.53
N GLU C 1 4.79 34.88 -16.12
CA GLU C 1 5.30 34.03 -15.08
C GLU C 1 4.74 32.68 -15.52
N VAL C 2 5.39 31.56 -15.24
CA VAL C 2 4.88 30.29 -15.72
C VAL C 2 3.56 30.02 -15.02
N VAL C 3 2.46 29.87 -15.77
CA VAL C 3 1.13 29.62 -15.20
C VAL C 3 0.63 28.24 -15.62
N PRO C 4 0.21 27.32 -14.74
CA PRO C 4 -0.25 25.98 -15.05
C PRO C 4 -1.37 25.93 -16.08
N HIS C 5 -1.11 25.03 -17.03
CA HIS C 5 -2.05 24.73 -18.09
C HIS C 5 -2.43 25.90 -18.98
N LYS C 6 -1.54 26.87 -19.19
CA LYS C 6 -1.78 27.96 -20.12
C LYS C 6 -0.43 28.03 -20.80
N LYS C 7 -0.38 28.09 -22.13
CA LYS C 7 0.87 27.99 -22.86
C LYS C 7 1.77 29.20 -22.67
#